data_3KAA
#
_entry.id   3KAA
#
_cell.length_a   71.922
_cell.length_b   71.922
_cell.length_c   263.579
_cell.angle_alpha   90.00
_cell.angle_beta   90.00
_cell.angle_gamma   120.00
#
_symmetry.space_group_name_H-M   'H 3 2'
#
loop_
_entity.id
_entity.type
_entity.pdbx_description
1 polymer 'Hepatitis A virus cellular receptor 2'
2 non-polymer 'CALCIUM ION'
3 non-polymer 1,2-DICAPROYL-SN-PHOSPHATIDYL-L-SERINE
4 water water
#
_entity_poly.entity_id   1
_entity_poly.type   'polypeptide(L)'
_entity_poly.pdbx_seq_one_letter_code
;MSLEDGYKVEVGKNAYLPCSYTLPTSGTLVPMCWGKGFCPWSQCTNELLRTDERNVTYQKSSRYQLKGDLNKGDVSLIIK
NVTLDDHGTYCCRIQFPGLMNDKKLELKLDIKAALVPR
;
_entity_poly.pdbx_strand_id   A,B
#
loop_
_chem_comp.id
_chem_comp.type
_chem_comp.name
_chem_comp.formula
CA non-polymer 'CALCIUM ION' 'Ca 2'
PSF non-polymer 1,2-DICAPROYL-SN-PHOSPHATIDYL-L-SERINE 'C18 H34 N O10 P'
#
# COMPACT_ATOMS: atom_id res chain seq x y z
N GLY A 6 6.01 6.67 -8.77
CA GLY A 6 4.80 7.40 -9.11
C GLY A 6 4.65 7.61 -10.60
N TYR A 7 3.41 7.64 -11.07
CA TYR A 7 3.11 7.81 -12.49
C TYR A 7 3.27 9.26 -12.94
N LYS A 8 3.85 9.46 -14.11
CA LYS A 8 3.96 10.80 -14.68
C LYS A 8 3.03 10.99 -15.87
N VAL A 9 1.93 11.72 -15.64
CA VAL A 9 1.10 12.20 -16.72
C VAL A 9 1.50 13.64 -16.99
N GLU A 10 1.28 14.11 -18.21
CA GLU A 10 1.55 15.52 -18.52
C GLU A 10 0.25 16.32 -18.60
N VAL A 11 0.33 17.59 -18.19
CA VAL A 11 -0.84 18.46 -18.14
C VAL A 11 -1.65 18.38 -19.43
N GLY A 12 -2.96 18.20 -19.28
CA GLY A 12 -3.85 18.07 -20.42
C GLY A 12 -4.13 16.63 -20.80
N LYS A 13 -3.22 15.73 -20.42
CA LYS A 13 -3.38 14.31 -20.74
C LYS A 13 -4.24 13.57 -19.72
N ASN A 14 -4.45 12.27 -19.98
CA ASN A 14 -5.28 11.44 -19.11
C ASN A 14 -4.47 10.57 -18.15
N ALA A 15 -4.85 10.61 -16.87
CA ALA A 15 -4.19 9.80 -15.86
C ALA A 15 -4.79 8.40 -15.78
N TYR A 16 -3.96 7.42 -15.45
CA TYR A 16 -4.40 6.03 -15.32
C TYR A 16 -3.78 5.38 -14.10
N LEU A 17 -4.64 4.93 -13.18
CA LEU A 17 -4.19 4.32 -11.93
C LEU A 17 -4.79 2.93 -11.78
N PRO A 18 -3.97 1.89 -11.99
CA PRO A 18 -4.41 0.49 -11.92
C PRO A 18 -4.87 0.09 -10.52
N CYS A 19 -5.91 -0.73 -10.47
CA CYS A 19 -6.43 -1.24 -9.19
C CYS A 19 -7.48 -2.31 -9.47
N SER A 20 -7.19 -3.54 -9.04
CA SER A 20 -8.08 -4.66 -9.30
C SER A 20 -8.09 -5.67 -8.15
N TYR A 21 -9.09 -6.55 -8.14
CA TYR A 21 -9.22 -7.55 -7.10
C TYR A 21 -9.68 -8.89 -7.67
N THR A 22 -9.26 -9.98 -7.04
CA THR A 22 -9.59 -11.32 -7.52
C THR A 22 -11.07 -11.62 -7.34
N LEU A 23 -11.79 -11.74 -8.46
CA LEU A 23 -13.23 -11.98 -8.43
C LEU A 23 -13.54 -13.47 -8.24
N PRO A 24 -14.37 -13.77 -7.24
CA PRO A 24 -14.83 -15.15 -6.94
C PRO A 24 -15.66 -15.73 -8.09
N THR A 25 -15.95 -17.03 -8.00
CA THR A 25 -16.67 -17.75 -9.07
C THR A 25 -17.89 -16.98 -9.57
N SER A 26 -18.96 -17.02 -8.79
CA SER A 26 -20.18 -16.31 -9.12
C SER A 26 -19.98 -14.80 -8.90
N GLY A 27 -19.50 -14.11 -9.94
CA GLY A 27 -19.10 -12.72 -9.85
C GLY A 27 -19.77 -11.90 -8.75
N THR A 28 -19.21 -11.97 -7.55
CA THR A 28 -19.70 -11.17 -6.44
C THR A 28 -18.84 -9.93 -6.24
N LEU A 29 -19.40 -8.78 -6.59
CA LEU A 29 -18.68 -7.51 -6.55
C LEU A 29 -18.59 -6.96 -5.13
N VAL A 30 -17.38 -6.56 -4.74
CA VAL A 30 -17.16 -5.91 -3.45
C VAL A 30 -17.11 -4.39 -3.63
N PRO A 31 -17.78 -3.66 -2.72
CA PRO A 31 -17.77 -2.20 -2.79
C PRO A 31 -16.36 -1.64 -2.65
N MET A 32 -16.03 -0.66 -3.48
CA MET A 32 -14.71 -0.03 -3.42
C MET A 32 -14.86 1.49 -3.37
N CYS A 33 -13.74 2.19 -3.36
CA CYS A 33 -13.77 3.65 -3.29
C CYS A 33 -12.46 4.27 -3.74
N TRP A 34 -12.57 5.20 -4.70
CA TRP A 34 -11.43 6.02 -5.10
C TRP A 34 -11.47 7.35 -4.35
N GLY A 35 -10.40 7.64 -3.62
CA GLY A 35 -10.34 8.86 -2.84
C GLY A 35 -8.98 9.51 -2.88
N LYS A 36 -8.94 10.73 -3.41
CA LYS A 36 -7.70 11.51 -3.47
C LYS A 36 -7.18 11.80 -2.07
N GLY A 37 -5.89 11.59 -1.86
CA GLY A 37 -5.28 11.76 -0.56
C GLY A 37 -5.09 10.46 0.19
N PHE A 38 -4.08 10.42 1.04
CA PHE A 38 -3.76 9.23 1.84
C PHE A 38 -5.01 8.52 2.36
N CYS A 39 -4.95 7.19 2.31
CA CYS A 39 -5.99 6.36 2.88
C CYS A 39 -6.05 6.48 4.40
N PRO A 40 -7.23 6.81 4.95
CA PRO A 40 -7.51 7.17 6.35
C PRO A 40 -7.54 5.97 7.28
N TRP A 41 -8.72 5.67 7.79
CA TRP A 41 -8.93 4.47 8.59
C TRP A 41 -10.30 3.78 8.35
N SER A 42 -11.28 4.51 7.81
CA SER A 42 -12.54 3.91 7.37
C SER A 42 -13.17 4.81 6.32
N GLN A 43 -13.48 4.26 5.14
CA GLN A 43 -13.97 5.03 4.00
C GLN A 43 -12.89 5.82 3.27
N CYS A 44 -13.25 6.53 2.19
CA CYS A 44 -12.26 7.29 1.42
C CYS A 44 -12.26 8.77 1.79
N THR A 45 -11.07 9.31 2.06
CA THR A 45 -10.92 10.68 2.56
C THR A 45 -11.56 11.73 1.65
N ASN A 46 -11.25 11.66 0.35
CA ASN A 46 -11.77 12.61 -0.62
C ASN A 46 -12.29 11.89 -1.85
N GLU A 47 -13.55 11.48 -1.79
CA GLU A 47 -14.12 10.59 -2.79
C GLU A 47 -14.24 11.18 -4.19
N LEU A 48 -13.72 10.46 -5.17
CA LEU A 48 -13.82 10.83 -6.57
C LEU A 48 -14.85 9.96 -7.26
N LEU A 49 -14.86 8.68 -6.90
CA LEU A 49 -15.79 7.71 -7.45
C LEU A 49 -15.90 6.55 -6.47
N ARG A 50 -16.98 5.80 -6.56
CA ARG A 50 -17.27 4.77 -5.57
C ARG A 50 -18.25 3.72 -6.08
N THR A 51 -18.07 2.47 -5.67
CA THR A 51 -18.98 1.42 -6.09
C THR A 51 -19.91 0.96 -4.96
N ASP A 52 -21.05 0.43 -5.37
CA ASP A 52 -21.95 -0.32 -4.49
C ASP A 52 -21.55 -1.76 -4.71
N GLU A 53 -22.54 -2.64 -4.84
CA GLU A 53 -22.42 -3.76 -5.75
C GLU A 53 -22.79 -3.09 -7.05
N ARG A 54 -22.52 -3.73 -8.17
CA ARG A 54 -23.06 -3.27 -9.45
C ARG A 54 -23.02 -1.73 -9.55
N ASN A 55 -21.92 -1.20 -10.10
CA ASN A 55 -21.85 0.22 -10.48
C ASN A 55 -21.87 1.25 -9.33
N VAL A 56 -21.71 2.52 -9.71
CA VAL A 56 -21.40 3.62 -8.78
C VAL A 56 -22.54 4.08 -7.88
N THR A 57 -22.17 4.68 -6.74
CA THR A 57 -23.11 5.25 -5.80
C THR A 57 -22.77 6.71 -5.50
N TYR A 58 -21.48 7.04 -5.58
CA TYR A 58 -21.05 8.43 -5.59
C TYR A 58 -20.16 8.68 -6.78
N GLN A 59 -20.55 9.67 -7.57
CA GLN A 59 -19.96 9.85 -8.87
C GLN A 59 -20.05 11.28 -9.39
N LYS A 60 -19.23 12.17 -8.85
CA LYS A 60 -19.03 13.43 -9.53
C LYS A 60 -18.37 13.04 -10.84
N SER A 61 -18.39 11.73 -11.09
CA SER A 61 -17.88 11.13 -12.32
C SER A 61 -18.19 11.99 -13.56
N SER A 62 -17.16 12.16 -14.39
CA SER A 62 -17.23 12.89 -15.65
C SER A 62 -15.84 12.84 -16.25
N ARG A 63 -14.89 13.43 -15.54
CA ARG A 63 -13.47 13.27 -15.82
C ARG A 63 -13.04 11.89 -15.32
N TYR A 64 -13.49 11.55 -14.12
CA TYR A 64 -13.14 10.28 -13.50
C TYR A 64 -13.99 9.13 -14.03
N GLN A 65 -13.34 8.02 -14.37
CA GLN A 65 -14.02 6.84 -14.87
C GLN A 65 -13.28 5.56 -14.51
N LEU A 66 -13.98 4.43 -14.56
CA LEU A 66 -13.34 3.14 -14.49
C LEU A 66 -13.28 2.53 -15.89
N LYS A 67 -12.17 2.75 -16.57
CA LYS A 67 -12.05 2.37 -17.98
C LYS A 67 -12.00 0.86 -18.21
N GLY A 68 -11.68 0.10 -17.16
CA GLY A 68 -11.74 -1.35 -17.22
C GLY A 68 -13.13 -1.82 -16.82
N ASP A 69 -13.45 -3.08 -17.09
CA ASP A 69 -14.74 -3.63 -16.70
C ASP A 69 -14.78 -4.01 -15.22
N LEU A 70 -15.75 -3.44 -14.50
CA LEU A 70 -15.83 -3.62 -13.06
C LEU A 70 -16.26 -5.01 -12.64
N ASN A 71 -17.13 -5.63 -13.43
CA ASN A 71 -17.71 -6.93 -13.09
C ASN A 71 -16.72 -8.09 -13.18
N LYS A 72 -15.44 -7.78 -13.34
CA LYS A 72 -14.40 -8.80 -13.36
C LYS A 72 -13.27 -8.46 -12.38
N GLY A 73 -13.49 -7.42 -11.58
CA GLY A 73 -12.50 -7.02 -10.59
C GLY A 73 -11.61 -5.86 -11.01
N ASP A 74 -11.82 -5.36 -12.22
CA ASP A 74 -11.07 -4.20 -12.70
C ASP A 74 -11.77 -2.89 -12.33
N VAL A 75 -11.26 -2.23 -11.30
CA VAL A 75 -11.78 -0.93 -10.92
C VAL A 75 -10.71 0.15 -11.11
N SER A 76 -9.87 -0.01 -12.13
CA SER A 76 -8.80 0.95 -12.39
C SER A 76 -9.39 2.32 -12.74
N LEU A 77 -8.85 3.36 -12.10
CA LEU A 77 -9.33 4.72 -12.29
C LEU A 77 -8.68 5.40 -13.50
N ILE A 78 -9.42 6.29 -14.15
CA ILE A 78 -8.90 7.06 -15.25
C ILE A 78 -9.39 8.51 -15.10
N ILE A 79 -8.49 9.46 -15.33
CA ILE A 79 -8.81 10.87 -15.11
C ILE A 79 -8.50 11.67 -16.38
N LYS A 80 -9.52 12.33 -16.92
CA LYS A 80 -9.38 13.02 -18.18
C LYS A 80 -8.92 14.48 -18.04
N ASN A 81 -8.04 14.90 -18.95
CA ASN A 81 -7.38 16.20 -18.87
C ASN A 81 -6.91 16.54 -17.46
N VAL A 82 -5.65 16.24 -17.17
CA VAL A 82 -5.10 16.49 -15.85
C VAL A 82 -4.38 17.83 -15.75
N THR A 83 -4.73 18.61 -14.73
CA THR A 83 -3.96 19.78 -14.37
C THR A 83 -3.01 19.38 -13.25
N LEU A 84 -2.32 20.36 -12.66
CA LEU A 84 -1.41 20.07 -11.55
C LEU A 84 -2.19 19.77 -10.27
N ASP A 85 -3.46 20.17 -10.25
CA ASP A 85 -4.32 19.89 -9.11
C ASP A 85 -4.47 18.39 -8.84
N ASP A 86 -4.47 17.60 -9.90
CA ASP A 86 -4.74 16.17 -9.79
C ASP A 86 -3.52 15.39 -9.30
N HIS A 87 -2.42 16.09 -9.03
CA HIS A 87 -1.22 15.42 -8.55
C HIS A 87 -1.34 15.14 -7.05
N GLY A 88 -0.72 14.06 -6.60
CA GLY A 88 -0.72 13.70 -5.20
C GLY A 88 -0.91 12.21 -4.98
N THR A 89 -1.37 11.86 -3.78
CA THR A 89 -1.65 10.46 -3.47
C THR A 89 -3.10 10.11 -3.77
N TYR A 90 -3.34 8.87 -4.17
CA TYR A 90 -4.68 8.39 -4.46
C TYR A 90 -4.92 7.08 -3.76
N CYS A 91 -6.18 6.63 -3.71
CA CYS A 91 -6.52 5.47 -2.91
C CYS A 91 -7.70 4.67 -3.45
N CYS A 92 -7.39 3.47 -3.94
CA CYS A 92 -8.42 2.50 -4.29
C CYS A 92 -8.63 1.57 -3.11
N ARG A 93 -9.79 1.70 -2.47
CA ARG A 93 -10.10 0.90 -1.28
C ARG A 93 -11.13 -0.18 -1.58
N ILE A 94 -10.70 -1.44 -1.55
CA ILE A 94 -11.62 -2.56 -1.71
C ILE A 94 -12.24 -2.91 -0.37
N GLN A 95 -13.53 -2.58 -0.21
CA GLN A 95 -14.22 -2.79 1.06
C GLN A 95 -14.83 -4.19 1.16
N PHE A 96 -14.10 -5.11 1.78
CA PHE A 96 -14.60 -6.46 2.00
C PHE A 96 -15.62 -6.47 3.14
N PRO A 97 -16.65 -7.32 3.01
CA PRO A 97 -17.63 -7.52 4.08
C PRO A 97 -16.95 -7.77 5.42
N GLY A 98 -17.10 -6.84 6.35
CA GLY A 98 -16.47 -6.94 7.65
C GLY A 98 -15.73 -5.67 7.99
N LEU A 99 -14.86 -5.78 8.98
CA LEU A 99 -14.00 -4.70 9.41
C LEU A 99 -12.58 -5.23 9.38
N MET A 100 -11.62 -4.35 9.12
CA MET A 100 -10.20 -4.69 9.18
C MET A 100 -9.75 -5.62 8.05
N ASN A 101 -10.54 -5.68 6.99
CA ASN A 101 -10.14 -6.36 5.77
C ASN A 101 -9.53 -5.35 4.80
N ASP A 102 -10.39 -4.79 3.96
CA ASP A 102 -10.07 -3.60 3.17
C ASP A 102 -8.69 -3.60 2.53
N LYS A 103 -8.63 -3.90 1.25
CA LYS A 103 -7.37 -3.82 0.54
C LYS A 103 -7.05 -2.38 0.15
N LYS A 104 -6.34 -1.68 1.02
CA LYS A 104 -5.94 -0.31 0.75
C LYS A 104 -4.83 -0.28 -0.28
N LEU A 105 -4.88 0.69 -1.18
CA LEU A 105 -3.85 0.86 -2.20
C LEU A 105 -3.60 2.35 -2.44
N GLU A 106 -2.43 2.81 -2.01
CA GLU A 106 -2.05 4.20 -2.20
C GLU A 106 -1.21 4.37 -3.46
N LEU A 107 -1.82 4.96 -4.48
CA LEU A 107 -1.12 5.23 -5.73
C LEU A 107 -0.69 6.69 -5.77
N LYS A 108 0.52 6.95 -6.25
CA LYS A 108 0.99 8.32 -6.33
C LYS A 108 0.96 8.84 -7.77
N LEU A 109 0.54 10.09 -7.93
CA LEU A 109 0.48 10.71 -9.24
C LEU A 109 1.26 12.02 -9.25
N ASP A 110 2.13 12.17 -10.25
CA ASP A 110 2.95 13.36 -10.40
C ASP A 110 2.77 13.92 -11.79
N ILE A 111 2.11 15.07 -11.87
CA ILE A 111 1.86 15.72 -13.14
C ILE A 111 3.16 16.30 -13.70
N LYS A 112 3.24 16.37 -15.02
CA LYS A 112 4.42 16.89 -15.69
C LYS A 112 4.02 17.51 -17.04
N ASP B 5 18.49 9.40 17.49
CA ASP B 5 19.38 8.41 16.87
C ASP B 5 18.95 8.05 15.45
N GLY B 6 18.97 6.76 15.15
CA GLY B 6 18.66 6.26 13.82
C GLY B 6 19.88 5.71 13.11
N TYR B 7 19.65 4.89 12.08
CA TYR B 7 20.75 4.31 11.32
C TYR B 7 21.35 5.31 10.34
N LYS B 8 22.64 5.56 10.50
CA LYS B 8 23.36 6.50 9.63
C LYS B 8 23.84 5.84 8.35
N VAL B 9 23.49 6.43 7.22
CA VAL B 9 23.87 5.90 5.91
C VAL B 9 23.89 7.00 4.85
N GLU B 10 24.90 6.96 3.99
CA GLU B 10 25.08 7.98 2.96
C GLU B 10 24.18 7.72 1.75
N VAL B 11 23.86 8.79 1.03
CA VAL B 11 23.03 8.70 -0.17
C VAL B 11 23.72 7.85 -1.24
N GLY B 12 22.93 7.05 -1.96
CA GLY B 12 23.44 6.24 -3.04
C GLY B 12 23.83 4.83 -2.62
N LYS B 13 23.94 4.61 -1.30
CA LYS B 13 24.29 3.30 -0.78
C LYS B 13 23.02 2.49 -0.51
N ASN B 14 23.16 1.40 0.24
CA ASN B 14 22.02 0.57 0.60
C ASN B 14 21.61 0.74 2.06
N ALA B 15 20.30 0.66 2.31
CA ALA B 15 19.78 0.73 3.66
C ALA B 15 19.52 -0.66 4.22
N TYR B 16 19.74 -0.82 5.53
CA TYR B 16 19.54 -2.11 6.20
C TYR B 16 18.66 -1.96 7.43
N LEU B 17 17.45 -2.51 7.36
CA LEU B 17 16.52 -2.45 8.48
C LEU B 17 16.26 -3.83 9.06
N PRO B 18 16.98 -4.19 10.14
CA PRO B 18 16.86 -5.52 10.75
C PRO B 18 15.53 -5.71 11.46
N CYS B 19 14.92 -6.88 11.30
CA CYS B 19 13.67 -7.20 11.99
C CYS B 19 13.45 -8.71 12.04
N SER B 20 12.99 -9.20 13.18
CA SER B 20 12.79 -10.63 13.38
C SER B 20 11.65 -10.88 14.36
N TYR B 21 11.10 -12.10 14.32
CA TYR B 21 10.07 -12.50 15.27
C TYR B 21 10.25 -13.96 15.65
N THR B 22 9.88 -14.31 16.87
CA THR B 22 9.98 -15.67 17.34
C THR B 22 8.89 -16.56 16.72
N LEU B 23 9.32 -17.55 15.95
CA LEU B 23 8.41 -18.41 15.20
C LEU B 23 7.49 -19.23 16.11
N PRO B 24 6.17 -19.18 15.85
CA PRO B 24 5.10 -19.79 16.65
C PRO B 24 5.17 -21.32 16.75
N THR B 25 4.45 -21.87 17.71
CA THR B 25 4.44 -23.31 17.95
C THR B 25 3.68 -24.05 16.86
N SER B 26 2.79 -23.35 16.16
CA SER B 26 1.98 -23.96 15.11
C SER B 26 2.81 -24.16 13.84
N GLY B 27 4.02 -23.63 13.85
CA GLY B 27 4.92 -23.73 12.71
C GLY B 27 4.58 -22.74 11.61
N THR B 28 3.28 -22.48 11.43
CA THR B 28 2.82 -21.57 10.39
C THR B 28 3.50 -20.19 10.51
N LEU B 29 3.77 -19.58 9.36
CA LEU B 29 4.45 -18.28 9.34
C LEU B 29 3.47 -17.14 9.58
N VAL B 30 3.85 -16.22 10.46
CA VAL B 30 3.04 -15.04 10.75
C VAL B 30 3.23 -13.97 9.67
N PRO B 31 2.11 -13.39 9.21
CA PRO B 31 2.16 -12.32 8.20
C PRO B 31 2.74 -11.03 8.78
N MET B 32 3.07 -10.08 7.90
CA MET B 32 3.60 -8.79 8.33
C MET B 32 3.64 -7.82 7.15
N CYS B 33 4.23 -6.66 7.38
CA CYS B 33 4.38 -5.66 6.33
C CYS B 33 5.29 -4.51 6.78
N TRP B 34 6.08 -3.99 5.84
CA TRP B 34 6.88 -2.80 6.07
C TRP B 34 6.14 -1.57 5.58
N GLY B 35 6.27 -0.47 6.32
CA GLY B 35 5.60 0.76 5.96
C GLY B 35 6.36 1.99 6.42
N LYS B 36 6.70 2.85 5.45
CA LYS B 36 7.44 4.07 5.75
C LYS B 36 6.61 5.04 6.59
N GLY B 37 6.94 5.13 7.87
CA GLY B 37 6.23 6.00 8.79
C GLY B 37 6.01 5.31 10.11
N PHE B 38 5.76 6.10 11.16
CA PHE B 38 5.44 5.53 12.47
C PHE B 38 4.38 4.45 12.31
N CYS B 39 4.49 3.39 13.11
CA CYS B 39 3.56 2.28 13.04
C CYS B 39 2.19 2.72 13.53
N PRO B 40 1.19 2.70 12.63
CA PRO B 40 -0.16 3.19 12.93
C PRO B 40 -0.93 2.35 13.95
N TRP B 41 -2.01 1.73 13.48
CA TRP B 41 -3.02 1.15 14.35
C TRP B 41 -3.65 -0.08 13.70
N SER B 42 -3.43 -0.22 12.40
CA SER B 42 -3.90 -1.37 11.64
C SER B 42 -3.07 -1.50 10.35
N GLN B 43 -2.41 -2.64 10.19
CA GLN B 43 -1.56 -2.86 9.04
C GLN B 43 -0.51 -1.75 8.90
N CYS B 44 -0.09 -1.48 7.68
CA CYS B 44 0.99 -0.52 7.45
C CYS B 44 0.54 0.73 6.70
N THR B 45 1.21 1.85 7.01
CA THR B 45 1.05 3.08 6.23
C THR B 45 2.26 3.24 5.32
N ASN B 46 2.03 3.62 4.07
CA ASN B 46 3.09 3.66 3.07
C ASN B 46 3.70 2.27 2.87
N GLU B 47 2.84 1.27 2.79
CA GLU B 47 3.26 -0.12 2.69
C GLU B 47 4.29 -0.34 1.58
N LEU B 48 5.48 -0.77 1.96
CA LEU B 48 6.57 -1.01 1.02
C LEU B 48 6.59 -2.46 0.56
N LEU B 49 6.46 -3.36 1.53
CA LEU B 49 6.47 -4.79 1.25
C LEU B 49 5.60 -5.51 2.27
N ARG B 50 4.91 -6.55 1.84
CA ARG B 50 4.00 -7.29 2.72
C ARG B 50 4.22 -8.79 2.59
N THR B 51 4.34 -9.46 3.73
CA THR B 51 4.55 -10.89 3.74
C THR B 51 3.25 -11.64 3.98
N ASP B 52 3.18 -12.87 3.48
CA ASP B 52 2.05 -13.75 3.73
C ASP B 52 2.46 -14.80 4.74
N GLU B 53 1.88 -16.00 4.63
CA GLU B 53 2.31 -17.14 5.42
C GLU B 53 3.01 -18.15 4.52
N ARG B 54 2.99 -17.88 3.23
CA ARG B 54 3.68 -18.71 2.25
C ARG B 54 4.87 -17.97 1.66
N ASN B 55 4.64 -16.72 1.27
CA ASN B 55 5.66 -15.92 0.58
C ASN B 55 5.29 -14.44 0.57
N VAL B 56 6.07 -13.64 -0.14
CA VAL B 56 5.83 -12.21 -0.23
C VAL B 56 4.56 -11.90 -1.02
N THR B 57 3.69 -11.07 -0.45
CA THR B 57 2.46 -10.66 -1.11
C THR B 57 2.65 -9.35 -1.87
N TYR B 58 2.64 -8.24 -1.13
CA TYR B 58 2.76 -6.92 -1.74
C TYR B 58 4.22 -6.57 -2.03
N GLN B 59 4.41 -5.58 -2.90
CA GLN B 59 5.74 -5.14 -3.30
C GLN B 59 5.60 -3.82 -4.05
N LYS B 60 6.04 -2.74 -3.40
CA LYS B 60 5.90 -1.40 -3.96
C LYS B 60 6.87 -1.15 -5.11
N SER B 61 8.16 -1.34 -4.82
CA SER B 61 9.20 -1.17 -5.83
C SER B 61 10.20 -2.31 -5.74
N SER B 62 11.02 -2.46 -6.78
CA SER B 62 12.06 -3.48 -6.76
C SER B 62 13.20 -3.05 -5.83
N ARG B 63 13.11 -1.82 -5.33
CA ARG B 63 14.10 -1.30 -4.39
C ARG B 63 14.08 -2.08 -3.08
N TYR B 64 12.88 -2.25 -2.52
CA TYR B 64 12.71 -2.91 -1.23
C TYR B 64 12.70 -4.43 -1.39
N GLN B 65 13.61 -5.11 -0.69
CA GLN B 65 13.75 -6.56 -0.83
C GLN B 65 13.77 -7.27 0.53
N LEU B 66 13.53 -8.57 0.51
CA LEU B 66 13.70 -9.40 1.70
C LEU B 66 15.01 -10.14 1.65
N LYS B 67 15.98 -9.71 2.44
CA LYS B 67 17.24 -10.42 2.53
C LYS B 67 17.20 -11.45 3.66
N GLY B 68 16.04 -11.57 4.30
CA GLY B 68 15.85 -12.52 5.39
C GLY B 68 15.01 -13.73 5.03
N ASP B 69 15.40 -14.89 5.56
CA ASP B 69 14.64 -16.12 5.36
C ASP B 69 13.36 -16.10 6.18
N LEU B 70 12.23 -16.01 5.49
CA LEU B 70 10.92 -15.96 6.13
C LEU B 70 10.66 -17.18 6.98
N ASN B 71 11.06 -18.34 6.46
CA ASN B 71 10.78 -19.62 7.11
C ASN B 71 11.46 -19.79 8.46
N LYS B 72 12.07 -18.71 8.95
CA LYS B 72 12.75 -18.74 10.24
C LYS B 72 12.29 -17.57 11.10
N GLY B 73 11.67 -16.58 10.46
CA GLY B 73 11.21 -15.39 11.15
C GLY B 73 12.06 -14.16 10.87
N ASP B 74 13.05 -14.30 10.00
CA ASP B 74 13.84 -13.14 9.58
C ASP B 74 13.09 -12.37 8.51
N VAL B 75 12.84 -11.09 8.77
CA VAL B 75 12.07 -10.26 7.84
C VAL B 75 12.79 -8.94 7.59
N SER B 76 14.11 -8.95 7.76
CA SER B 76 14.92 -7.76 7.55
C SER B 76 14.72 -7.22 6.14
N LEU B 77 14.57 -5.90 6.04
CA LEU B 77 14.34 -5.23 4.76
C LEU B 77 15.61 -4.55 4.27
N ILE B 78 15.74 -4.42 2.95
CA ILE B 78 16.89 -3.74 2.37
C ILE B 78 16.44 -2.79 1.26
N ILE B 79 16.74 -1.51 1.44
CA ILE B 79 16.39 -0.49 0.45
C ILE B 79 17.61 -0.09 -0.35
N LYS B 80 17.61 -0.45 -1.64
CA LYS B 80 18.77 -0.25 -2.49
C LYS B 80 18.90 1.19 -3.00
N ASN B 81 20.12 1.61 -3.26
CA ASN B 81 20.38 2.91 -3.86
C ASN B 81 19.56 4.01 -3.19
N VAL B 82 19.65 4.06 -1.87
CA VAL B 82 18.86 5.01 -1.07
C VAL B 82 19.03 6.46 -1.51
N THR B 83 17.93 7.20 -1.51
CA THR B 83 17.97 8.63 -1.80
C THR B 83 17.69 9.46 -0.55
N LEU B 84 17.85 10.77 -0.68
CA LEU B 84 17.70 11.68 0.45
C LEU B 84 16.29 11.74 1.03
N ASP B 85 15.30 11.33 0.25
CA ASP B 85 13.92 11.34 0.70
C ASP B 85 13.51 10.06 1.43
N ASP B 86 14.49 9.18 1.64
CA ASP B 86 14.24 7.91 2.32
C ASP B 86 14.42 8.01 3.84
N HIS B 87 15.08 9.06 4.31
CA HIS B 87 15.29 9.25 5.74
C HIS B 87 13.93 9.35 6.44
N GLY B 88 13.87 8.86 7.68
CA GLY B 88 12.62 8.91 8.44
C GLY B 88 12.37 7.65 9.25
N THR B 89 11.16 7.54 9.80
CA THR B 89 10.80 6.39 10.61
C THR B 89 10.14 5.30 9.77
N TYR B 90 10.47 4.04 10.03
CA TYR B 90 9.86 2.90 9.34
C TYR B 90 9.05 2.02 10.30
N CYS B 91 8.40 1.00 9.76
CA CYS B 91 7.56 0.13 10.59
C CYS B 91 7.60 -1.32 10.13
N CYS B 92 8.08 -2.20 11.00
CA CYS B 92 8.04 -3.62 10.77
C CYS B 92 6.96 -4.24 11.65
N ARG B 93 5.77 -4.42 11.07
CA ARG B 93 4.63 -4.90 11.84
C ARG B 93 4.32 -6.39 11.62
N ILE B 94 4.64 -7.20 12.63
CA ILE B 94 4.35 -8.62 12.60
C ILE B 94 2.95 -8.88 13.16
N GLN B 95 2.05 -9.32 12.29
CA GLN B 95 0.64 -9.46 12.62
C GLN B 95 0.29 -10.83 13.23
N PHE B 96 0.45 -10.94 14.55
CA PHE B 96 0.15 -12.17 15.27
C PHE B 96 -1.35 -12.39 15.42
N PRO B 97 -1.79 -13.64 15.35
CA PRO B 97 -3.21 -13.95 15.57
C PRO B 97 -3.71 -13.52 16.95
N GLY B 98 -5.01 -13.25 17.06
CA GLY B 98 -5.54 -12.63 18.26
C GLY B 98 -5.74 -11.15 18.02
N LEU B 99 -5.93 -10.39 19.09
CA LEU B 99 -6.07 -8.95 18.94
C LEU B 99 -5.21 -8.24 19.97
N MET B 100 -4.65 -7.09 19.58
CA MET B 100 -3.79 -6.30 20.47
C MET B 100 -2.53 -7.07 20.86
N ASN B 101 -1.80 -7.55 19.85
CA ASN B 101 -0.63 -8.35 20.13
C ASN B 101 0.48 -8.23 19.08
N ASP B 102 0.20 -7.51 18.00
CA ASP B 102 1.16 -7.37 16.91
C ASP B 102 2.45 -6.74 17.39
N LYS B 103 3.58 -7.32 17.00
CA LYS B 103 4.87 -6.75 17.36
C LYS B 103 5.14 -5.51 16.50
N LYS B 104 4.87 -4.34 17.06
CA LYS B 104 5.13 -3.09 16.35
C LYS B 104 6.55 -2.59 16.59
N LEU B 105 7.39 -2.76 15.58
CA LEU B 105 8.77 -2.29 15.65
C LEU B 105 8.96 -1.03 14.78
N GLU B 106 9.55 0.00 15.38
CA GLU B 106 9.82 1.23 14.65
C GLU B 106 11.32 1.51 14.51
N LEU B 107 11.78 1.59 13.27
CA LEU B 107 13.18 1.86 12.99
C LEU B 107 13.36 3.26 12.39
N LYS B 108 14.35 3.99 12.89
CA LYS B 108 14.63 5.32 12.33
C LYS B 108 15.79 5.31 11.34
N LEU B 109 15.58 5.92 10.19
CA LEU B 109 16.62 6.04 9.17
C LEU B 109 17.14 7.48 9.14
N ASP B 110 18.43 7.64 8.85
CA ASP B 110 19.05 8.95 8.89
C ASP B 110 20.03 9.14 7.74
N ILE B 111 19.58 9.82 6.69
CA ILE B 111 20.38 10.00 5.49
C ILE B 111 21.22 11.27 5.51
N LYS B 112 22.49 11.15 5.14
CA LYS B 112 23.40 12.28 5.08
C LYS B 112 23.78 12.64 3.64
N ALA B 113 23.83 13.94 3.36
CA ALA B 113 24.15 14.44 2.02
C ALA B 113 25.35 13.72 1.44
CA CA C . -3.72 -9.43 15.54
O2 PSF D . -5.12 -4.49 16.51
O1 PSF D . -3.83 -5.62 14.72
P PSF D . -3.93 -5.55 16.33
O4 PSF D . -4.40 -6.89 16.85
O3 PSF D . -2.65 -4.95 16.89
C2 PSF D . -5.03 -3.40 17.43
C3 PSF D . -6.30 -2.54 17.27
O11 PSF D . -6.30 -1.43 18.19
C4 PSF D . -7.53 -3.40 17.49
O52 PSF D . -8.70 -2.63 17.20
N PSF D . -2.66 -6.19 12.12
CA PSF D . -4.01 -6.57 12.51
CB PSF D . -4.07 -6.82 14.01
C PSF D . -4.94 -5.46 12.15
OT1 PSF D . -4.48 -4.44 11.60
OT2 PSF D . -6.16 -5.60 12.42
#